data_4CLZ
#
_entry.id   4CLZ
#
_cell.length_a   100.510
_cell.length_b   100.510
_cell.length_c   97.410
_cell.angle_alpha   90.00
_cell.angle_beta   90.00
_cell.angle_gamma   120.00
#
_symmetry.space_group_name_H-M   'P 63'
#
loop_
_entity.id
_entity.type
_entity.pdbx_description
1 polymer 'ADENYLATE CYCLASE TYPE 10'
2 non-polymer 'ACETATE ION'
3 non-polymer 1,2-ETHANEDIOL
4 non-polymer DI(HYDROXYETHYL)ETHER
5 non-polymer "4,4'-Diisothiocyano-2,2'-stilbenedisulfonic acid"
6 non-polymer 'DIMETHYL SULFOXIDE'
7 water water
#
_entity_poly.entity_id   1
_entity_poly.type   'polypeptide(L)'
_entity_poly.pdbx_seq_one_letter_code
;MNTPKEEFQDWPIVRIAAHLPDLIVYGHFSPERPFMDYFDGVLMFVDISGFTAMTEKFSSAMYMDRGAEQLVEILNYHIS
AIVEKVLIFGGDILKFAGDALLALWRVERKQLKNIITVVIKCSLEIHGLFETQEWEEGLDIRVKIGLAAGHISMLVFGDE
THSHFLVIGQAVDDVRLAQNMAQMNDVILSPNCWQLCDRSMIEIESVPDQRAVKVNFLKPPPNFNFDEFFTKCTTFMHYY
PSGEHKNLLRLA(CME)TLKPDPELEMSLQKYVMESILKQIDNKQLQGYLSELRPVTIVFVNLMFEDQDKAEEIGPAIQD
AYMHITSVLKIFQGQINKVFMFDKGCSFLCVFGFPGEKVPDELTHALECAMDIFDFCSQVHKIQTVSIGVASGIVFCGIV
GHTVRHEYTVIGQKVNLAARMMMYYPGIVTCDSVTYNGSNLPAYFFKELPKKVMKGVADSGPLYQYWGRTEKVHHHHHH
;
_entity_poly.pdbx_strand_id   A
#
# COMPACT_ATOMS: atom_id res chain seq x y z
N MET A 1 10.19 -42.93 -26.18
CA MET A 1 9.92 -41.42 -26.43
C MET A 1 10.09 -40.64 -25.14
N ASN A 2 11.03 -39.70 -25.10
CA ASN A 2 11.31 -39.00 -23.85
C ASN A 2 10.21 -38.10 -23.35
N THR A 3 10.21 -37.86 -22.04
CA THR A 3 9.29 -36.91 -21.43
C THR A 3 10.05 -35.88 -20.57
N PRO A 4 10.69 -34.90 -21.19
CA PRO A 4 11.44 -33.88 -20.43
C PRO A 4 10.55 -33.09 -19.47
N LYS A 5 11.15 -32.66 -18.35
CA LYS A 5 10.46 -31.91 -17.28
C LYS A 5 9.81 -30.62 -17.80
N GLU A 6 8.49 -30.46 -17.55
CA GLU A 6 7.77 -29.18 -17.68
C GLU A 6 8.35 -28.21 -16.63
N GLU A 7 9.15 -27.26 -17.10
CA GLU A 7 9.87 -26.32 -16.25
C GLU A 7 9.12 -24.99 -16.06
N PHE A 8 9.45 -24.28 -15.00
CA PHE A 8 8.74 -23.06 -14.68
C PHE A 8 9.13 -22.00 -15.73
N GLN A 9 8.13 -21.37 -16.34
CA GLN A 9 8.38 -20.35 -17.34
C GLN A 9 7.98 -18.93 -16.84
N ASP A 10 8.98 -18.08 -16.76
CA ASP A 10 8.92 -16.77 -16.27
CA ASP A 10 8.74 -16.70 -16.20
C ASP A 10 8.51 -15.79 -17.39
N TRP A 11 7.40 -16.07 -18.11
CA TRP A 11 6.96 -15.20 -19.22
C TRP A 11 6.76 -13.80 -18.68
N PRO A 12 6.78 -12.76 -19.52
CA PRO A 12 6.48 -11.42 -19.13
C PRO A 12 5.13 -11.27 -18.42
N ILE A 13 4.10 -11.99 -18.84
CA ILE A 13 2.80 -11.92 -18.15
C ILE A 13 2.91 -12.37 -16.68
N VAL A 14 3.70 -13.40 -16.41
CA VAL A 14 3.91 -13.84 -15.05
C VAL A 14 4.71 -12.83 -14.22
N ARG A 15 5.76 -12.27 -14.83
CA ARG A 15 6.53 -11.19 -14.18
C ARG A 15 5.65 -10.00 -13.82
N ILE A 16 4.72 -9.61 -14.69
CA ILE A 16 3.77 -8.56 -14.40
C ILE A 16 2.85 -9.00 -13.24
N ALA A 17 2.35 -10.25 -13.30
CA ALA A 17 1.45 -10.71 -12.25
C ALA A 17 2.04 -10.72 -10.87
N ALA A 18 3.36 -10.86 -10.74
CA ALA A 18 3.99 -10.76 -9.40
C ALA A 18 3.76 -9.42 -8.73
N HIS A 19 3.53 -8.38 -9.52
CA HIS A 19 3.23 -7.01 -8.98
C HIS A 19 1.82 -6.77 -8.55
N LEU A 20 0.95 -7.77 -8.76
CA LEU A 20 -0.49 -7.61 -8.56
C LEU A 20 -1.10 -8.73 -7.69
N PRO A 21 -2.20 -8.39 -6.99
CA PRO A 21 -2.96 -9.40 -6.23
C PRO A 21 -3.86 -10.21 -7.18
N ASP A 22 -4.26 -11.38 -6.74
CA ASP A 22 -5.28 -12.21 -7.37
C ASP A 22 -6.56 -11.50 -7.65
N LEU A 23 -6.91 -10.58 -6.76
CA LEU A 23 -8.01 -9.69 -6.90
C LEU A 23 -8.05 -8.99 -8.28
N ILE A 24 -6.89 -8.60 -8.79
CA ILE A 24 -6.76 -8.01 -10.10
C ILE A 24 -6.43 -9.05 -11.16
N VAL A 25 -5.45 -9.94 -10.92
CA VAL A 25 -5.00 -10.89 -11.94
C VAL A 25 -6.15 -11.73 -12.47
N TYR A 26 -6.98 -12.22 -11.54
CA TYR A 26 -8.12 -13.06 -11.92
C TYR A 26 -9.43 -12.32 -11.95
N GLY A 27 -9.41 -10.97 -11.99
CA GLY A 27 -10.63 -10.22 -12.14
C GLY A 27 -11.14 -10.24 -13.57
N HIS A 28 -12.35 -9.85 -13.79
CA HIS A 28 -12.67 -9.71 -15.22
C HIS A 28 -13.63 -8.57 -15.31
N PHE A 29 -13.10 -7.35 -15.16
CA PHE A 29 -13.90 -6.16 -15.01
C PHE A 29 -14.29 -5.56 -16.32
N SER A 30 -15.39 -4.87 -16.27
CA SER A 30 -15.85 -4.05 -17.34
C SER A 30 -14.88 -2.94 -17.62
N PRO A 31 -15.13 -2.27 -18.74
CA PRO A 31 -14.17 -1.23 -19.06
C PRO A 31 -14.50 0.11 -18.40
N GLU A 32 -15.72 0.36 -17.95
CA GLU A 32 -15.97 1.66 -17.39
C GLU A 32 -14.99 1.99 -16.18
N ARG A 33 -14.69 3.26 -16.07
CA ARG A 33 -13.97 3.76 -14.93
C ARG A 33 -14.85 4.88 -14.42
N PRO A 34 -15.18 4.86 -13.14
CA PRO A 34 -14.74 3.88 -12.14
C PRO A 34 -15.47 2.56 -12.31
N PHE A 35 -14.86 1.49 -11.83
CA PHE A 35 -15.48 0.21 -11.73
C PHE A 35 -15.56 -0.18 -10.26
N MET A 36 -16.71 -0.69 -9.81
CA MET A 36 -16.88 -1.07 -8.40
C MET A 36 -17.40 -2.47 -8.25
N ASP A 37 -16.90 -3.15 -7.23
CA ASP A 37 -17.33 -4.54 -6.98
C ASP A 37 -17.47 -4.66 -5.47
N TYR A 38 -18.30 -5.57 -5.01
CA TYR A 38 -18.70 -5.68 -3.61
C TYR A 38 -18.56 -7.14 -3.12
N PHE A 39 -17.97 -7.37 -1.95
CA PHE A 39 -17.79 -8.72 -1.43
C PHE A 39 -17.55 -8.70 0.06
N ASP A 40 -17.20 -9.85 0.63
CA ASP A 40 -16.95 -9.97 2.04
C ASP A 40 -15.62 -10.64 2.21
N GLY A 41 -14.94 -10.34 3.32
CA GLY A 41 -13.68 -10.97 3.58
C GLY A 41 -13.09 -10.60 4.87
N VAL A 42 -11.90 -11.17 5.09
CA VAL A 42 -11.05 -10.84 6.24
C VAL A 42 -9.79 -10.14 5.73
N LEU A 43 -9.42 -9.06 6.41
CA LEU A 43 -8.26 -8.26 6.09
C LEU A 43 -7.22 -8.42 7.22
N MET A 44 -5.95 -8.45 6.85
CA MET A 44 -4.82 -8.48 7.77
C MET A 44 -3.91 -7.32 7.40
N PHE A 45 -3.61 -6.46 8.36
CA PHE A 45 -2.66 -5.37 8.12
C PHE A 45 -1.47 -5.66 9.02
N VAL A 46 -0.30 -5.85 8.46
CA VAL A 46 0.92 -6.26 9.18
C VAL A 46 1.92 -5.13 8.98
N ASP A 47 2.57 -4.72 10.05
CA ASP A 47 3.57 -3.63 9.98
C ASP A 47 4.79 -4.03 10.70
N ILE A 48 5.98 -3.94 10.07
CA ILE A 48 7.26 -4.19 10.78
C ILE A 48 7.56 -2.80 11.26
N SER A 49 6.98 -2.41 12.37
CA SER A 49 7.05 -0.98 12.73
C SER A 49 8.42 -0.69 13.28
N GLY A 50 8.83 0.57 13.09
CA GLY A 50 10.13 1.06 13.49
C GLY A 50 11.15 1.02 12.34
N PHE A 51 10.92 0.17 11.35
CA PHE A 51 11.87 0.08 10.24
C PHE A 51 12.13 1.40 9.52
N THR A 52 11.10 1.99 8.90
CA THR A 52 11.24 3.29 8.18
C THR A 52 12.05 4.30 9.02
N ALA A 53 11.67 4.38 10.29
CA ALA A 53 12.33 5.27 11.23
C ALA A 53 13.84 5.03 11.27
N MET A 54 14.31 3.78 11.07
CA MET A 54 15.74 3.55 11.23
C MET A 54 16.53 3.69 9.93
N THR A 55 15.82 3.59 8.81
CA THR A 55 16.32 3.66 7.40
C THR A 55 17.31 4.80 7.15
N GLU A 56 17.22 5.86 7.93
CA GLU A 56 18.22 6.95 7.84
C GLU A 56 19.66 6.40 8.05
N LYS A 57 19.77 5.42 8.94
CA LYS A 57 21.02 4.74 9.15
C LYS A 57 21.68 4.12 7.90
N PHE A 58 20.90 3.72 6.89
CA PHE A 58 21.52 3.07 5.71
C PHE A 58 22.18 4.11 4.84
N SER A 59 21.91 5.42 5.08
CA SER A 59 22.77 6.47 4.41
C SER A 59 24.09 6.74 5.08
N SER A 60 24.28 6.18 6.26
CA SER A 60 25.49 6.47 6.99
C SER A 60 26.69 5.87 6.25
N ALA A 61 27.83 6.47 6.51
CA ALA A 61 29.07 6.08 5.86
C ALA A 61 29.41 4.65 6.11
N MET A 62 28.91 4.07 7.22
CA MET A 62 29.31 2.69 7.47
C MET A 62 28.86 1.74 6.37
N TYR A 63 27.78 2.07 5.68
CA TYR A 63 27.28 1.20 4.59
C TYR A 63 28.04 1.34 3.22
N MET A 64 29.00 2.23 3.21
CA MET A 64 29.98 2.32 2.13
C MET A 64 29.28 2.47 0.78
N ASP A 65 28.30 3.32 0.73
CA ASP A 65 27.58 3.48 -0.51
C ASP A 65 26.80 2.28 -1.03
N ARG A 66 26.59 1.25 -0.23
CA ARG A 66 25.65 0.20 -0.64
C ARG A 66 24.48 0.15 0.30
N GLY A 67 24.09 1.31 0.87
CA GLY A 67 22.97 1.31 1.74
C GLY A 67 21.70 0.85 1.14
N ALA A 68 21.38 1.30 -0.08
CA ALA A 68 20.17 0.88 -0.69
C ALA A 68 20.09 -0.61 -0.90
N GLU A 69 21.19 -1.15 -1.40
CA GLU A 69 21.29 -2.60 -1.63
C GLU A 69 21.15 -3.42 -0.36
N GLN A 70 21.76 -2.95 0.71
CA GLN A 70 21.66 -3.65 2.03
C GLN A 70 20.28 -3.52 2.59
N LEU A 71 19.67 -2.32 2.42
CA LEU A 71 18.32 -2.05 2.89
CA LEU A 71 18.33 -2.10 2.97
C LEU A 71 17.34 -3.03 2.29
N VAL A 72 17.36 -3.11 0.98
CA VAL A 72 16.37 -3.92 0.32
C VAL A 72 16.56 -5.41 0.53
N GLU A 73 17.83 -5.81 0.69
CA GLU A 73 18.15 -7.20 1.00
C GLU A 73 17.57 -7.59 2.37
N ILE A 74 17.84 -6.79 3.40
CA ILE A 74 17.42 -7.15 4.77
C ILE A 74 15.90 -7.03 4.88
N LEU A 75 15.34 -5.99 4.26
CA LEU A 75 13.86 -5.82 4.29
C LEU A 75 13.19 -6.98 3.61
N ASN A 76 13.64 -7.31 2.39
CA ASN A 76 13.06 -8.46 1.73
C ASN A 76 13.25 -9.80 2.35
N TYR A 77 14.34 -9.99 3.06
CA TYR A 77 14.55 -11.22 3.77
C TYR A 77 13.38 -11.46 4.81
N HIS A 78 13.05 -10.40 5.50
CA HIS A 78 11.98 -10.48 6.50
C HIS A 78 10.57 -10.42 5.89
N ILE A 79 10.32 -9.50 4.95
CA ILE A 79 9.02 -9.37 4.32
C ILE A 79 8.66 -10.55 3.51
N SER A 80 9.64 -11.14 2.79
CA SER A 80 9.40 -12.38 2.06
CA SER A 80 9.32 -12.31 2.02
C SER A 80 8.84 -13.51 2.91
N ALA A 81 9.36 -13.66 4.14
CA ALA A 81 8.90 -14.68 4.99
C ALA A 81 7.45 -14.48 5.44
N ILE A 82 7.06 -13.26 5.69
CA ILE A 82 5.69 -12.92 6.01
C ILE A 82 4.78 -13.19 4.82
N VAL A 83 5.18 -12.76 3.65
CA VAL A 83 4.45 -13.03 2.40
C VAL A 83 4.21 -14.53 2.19
N GLU A 84 5.24 -15.34 2.36
CA GLU A 84 5.11 -16.74 2.17
CA GLU A 84 5.13 -16.78 2.22
C GLU A 84 4.09 -17.33 3.16
N LYS A 85 4.10 -16.86 4.41
CA LYS A 85 3.10 -17.32 5.37
C LYS A 85 1.67 -16.97 4.96
N VAL A 86 1.46 -15.74 4.55
CA VAL A 86 0.17 -15.30 4.05
C VAL A 86 -0.27 -16.17 2.90
N LEU A 87 0.64 -16.39 1.93
CA LEU A 87 0.25 -17.16 0.75
C LEU A 87 -0.10 -18.65 1.05
N ILE A 88 0.71 -19.28 1.90
CA ILE A 88 0.46 -20.69 2.31
C ILE A 88 -0.86 -20.81 3.09
N PHE A 89 -1.26 -19.76 3.82
CA PHE A 89 -2.49 -19.78 4.57
C PHE A 89 -3.66 -19.33 3.69
N GLY A 90 -3.41 -19.07 2.40
CA GLY A 90 -4.49 -18.81 1.41
C GLY A 90 -4.92 -17.41 1.18
N GLY A 91 -4.13 -16.46 1.68
CA GLY A 91 -4.44 -15.05 1.57
C GLY A 91 -3.90 -14.45 0.26
N ASP A 92 -4.30 -13.24 -0.06
CA ASP A 92 -3.95 -12.52 -1.29
C ASP A 92 -3.32 -11.27 -0.81
N ILE A 93 -2.03 -11.04 -1.08
CA ILE A 93 -1.40 -9.78 -0.64
CA ILE A 93 -1.41 -9.78 -0.63
C ILE A 93 -1.91 -8.67 -1.56
N LEU A 94 -2.64 -7.70 -1.03
CA LEU A 94 -3.22 -6.62 -1.88
C LEU A 94 -2.22 -5.53 -2.22
N LYS A 95 -1.40 -5.08 -1.26
CA LYS A 95 -0.57 -3.92 -1.39
C LYS A 95 0.55 -3.93 -0.35
N PHE A 96 1.70 -3.38 -0.73
CA PHE A 96 2.81 -3.11 0.17
C PHE A 96 2.97 -1.61 0.24
N ALA A 97 3.28 -1.15 1.44
CA ALA A 97 3.55 0.29 1.66
C ALA A 97 4.57 0.33 2.69
N GLY A 98 5.63 1.06 2.45
CA GLY A 98 6.72 1.11 3.42
C GLY A 98 7.21 -0.29 3.83
N ASP A 99 7.12 -0.52 5.13
CA ASP A 99 7.49 -1.75 5.77
C ASP A 99 6.22 -2.52 6.27
N ALA A 100 5.08 -2.24 5.63
CA ALA A 100 3.74 -2.75 5.97
C ALA A 100 3.12 -3.42 4.75
N LEU A 101 2.15 -4.28 5.01
CA LEU A 101 1.36 -4.87 3.94
C LEU A 101 -0.05 -5.17 4.38
N LEU A 102 -0.90 -5.22 3.37
CA LEU A 102 -2.34 -5.48 3.54
C LEU A 102 -2.68 -6.76 2.80
N ALA A 103 -3.34 -7.71 3.45
CA ALA A 103 -3.75 -9.00 2.84
C ALA A 103 -5.25 -9.24 3.00
N LEU A 104 -5.82 -9.98 2.08
CA LEU A 104 -7.20 -10.26 2.05
C LEU A 104 -7.46 -11.77 1.84
N TRP A 105 -8.44 -12.29 2.60
CA TRP A 105 -9.05 -13.56 2.33
C TRP A 105 -10.48 -13.23 1.95
N ARG A 106 -10.79 -13.36 0.69
CA ARG A 106 -12.16 -13.17 0.22
C ARG A 106 -12.94 -14.45 0.32
N VAL A 107 -14.09 -14.40 0.98
CA VAL A 107 -14.95 -15.55 1.11
C VAL A 107 -16.39 -15.17 1.16
N GLU A 108 -17.23 -16.18 0.87
CA GLU A 108 -18.64 -16.01 0.99
C GLU A 108 -18.90 -15.73 2.46
N ARG A 109 -19.95 -14.94 2.65
CA ARG A 109 -20.32 -14.43 3.90
C ARG A 109 -20.44 -15.46 5.00
N LYS A 110 -21.06 -16.61 4.72
CA LYS A 110 -21.23 -17.69 5.67
C LYS A 110 -19.95 -18.30 6.17
N GLN A 111 -18.87 -18.14 5.43
CA GLN A 111 -17.60 -18.72 5.83
C GLN A 111 -16.69 -17.75 6.57
N LEU A 112 -17.13 -16.53 6.86
CA LEU A 112 -16.24 -15.57 7.54
C LEU A 112 -15.77 -16.12 8.85
N LYS A 113 -16.66 -16.77 9.63
CA LYS A 113 -16.27 -17.24 10.92
C LYS A 113 -15.07 -18.21 10.85
N ASN A 114 -15.14 -19.21 10.00
CA ASN A 114 -14.02 -20.15 9.91
C ASN A 114 -12.78 -19.51 9.31
N ILE A 115 -12.94 -18.60 8.35
CA ILE A 115 -11.73 -17.99 7.77
C ILE A 115 -11.02 -17.09 8.75
N ILE A 116 -11.77 -16.43 9.65
CA ILE A 116 -11.12 -15.70 10.72
C ILE A 116 -10.18 -16.55 11.59
N THR A 117 -10.55 -17.79 11.81
CA THR A 117 -9.73 -18.69 12.57
C THR A 117 -8.41 -18.98 11.81
N VAL A 118 -8.51 -19.24 10.51
CA VAL A 118 -7.33 -19.42 9.65
C VAL A 118 -6.40 -18.19 9.73
N VAL A 119 -6.97 -17.02 9.62
CA VAL A 119 -6.19 -15.77 9.60
C VAL A 119 -5.56 -15.51 10.96
N ILE A 120 -6.28 -15.88 12.03
CA ILE A 120 -5.72 -15.76 13.36
C ILE A 120 -4.49 -16.67 13.49
N LYS A 121 -4.56 -17.92 13.05
CA LYS A 121 -3.45 -18.82 13.15
C LYS A 121 -2.25 -18.33 12.32
N CYS A 122 -2.53 -17.85 11.11
CA CYS A 122 -1.51 -17.21 10.28
C CYS A 122 -0.80 -16.10 11.02
N SER A 123 -1.55 -15.20 11.66
CA SER A 123 -1.00 -14.07 12.36
C SER A 123 -0.06 -14.53 13.47
N LEU A 124 -0.47 -15.57 14.20
CA LEU A 124 0.33 -16.06 15.29
C LEU A 124 1.61 -16.72 14.79
N GLU A 125 1.54 -17.45 13.69
CA GLU A 125 2.74 -17.94 13.02
C GLU A 125 3.63 -16.84 12.47
N ILE A 126 3.08 -15.72 12.00
CA ILE A 126 3.86 -14.54 11.62
C ILE A 126 4.67 -13.99 12.85
N HIS A 127 3.98 -13.70 13.96
CA HIS A 127 4.70 -13.38 15.19
C HIS A 127 5.78 -14.43 15.55
N GLY A 128 5.51 -15.70 15.31
CA GLY A 128 6.45 -16.78 15.59
C GLY A 128 7.76 -16.71 14.79
N LEU A 129 7.67 -16.22 13.56
CA LEU A 129 8.87 -15.93 12.80
C LEU A 129 9.83 -14.99 13.53
N PHE A 130 9.34 -14.03 14.31
CA PHE A 130 10.20 -12.98 14.84
C PHE A 130 10.53 -13.08 16.33
N GLU A 131 10.47 -14.28 16.89
CA GLU A 131 10.78 -14.47 18.33
C GLU A 131 12.29 -14.63 18.44
N THR A 132 12.95 -13.51 18.77
CA THR A 132 14.33 -13.17 18.37
C THR A 132 14.31 -11.77 17.76
N VAL A 143 7.05 -6.44 14.79
CA VAL A 143 5.74 -6.76 14.10
C VAL A 143 4.40 -6.55 14.86
N LYS A 144 3.50 -5.78 14.27
CA LYS A 144 2.16 -5.57 14.80
C LYS A 144 1.11 -5.96 13.76
N ILE A 145 0.02 -6.58 14.18
CA ILE A 145 -1.01 -7.09 13.23
C ILE A 145 -2.37 -6.69 13.68
N GLY A 146 -3.10 -6.09 12.74
CA GLY A 146 -4.49 -5.78 12.91
C GLY A 146 -5.36 -6.63 11.95
N LEU A 147 -6.46 -7.18 12.47
CA LEU A 147 -7.45 -7.99 11.67
C LEU A 147 -8.84 -7.37 11.66
N ALA A 148 -9.51 -7.35 10.50
CA ALA A 148 -10.89 -6.88 10.41
C ALA A 148 -11.63 -7.84 9.50
N ALA A 149 -12.94 -7.84 9.57
CA ALA A 149 -13.76 -8.75 8.74
C ALA A 149 -15.08 -8.09 8.45
N GLY A 150 -15.66 -8.38 7.30
CA GLY A 150 -16.97 -7.85 6.94
C GLY A 150 -17.07 -7.45 5.48
N HIS A 151 -17.91 -6.46 5.22
CA HIS A 151 -18.16 -6.04 3.85
C HIS A 151 -16.96 -5.26 3.34
N ILE A 152 -16.61 -5.47 2.07
CA ILE A 152 -15.50 -4.77 1.44
C ILE A 152 -15.96 -4.40 0.07
N SER A 153 -15.60 -3.21 -0.37
CA SER A 153 -15.84 -2.81 -1.75
C SER A 153 -14.51 -2.61 -2.43
N MET A 154 -14.44 -2.89 -3.72
CA MET A 154 -13.27 -2.62 -4.59
CA MET A 154 -13.31 -2.54 -4.50
C MET A 154 -13.62 -1.50 -5.54
N LEU A 155 -12.69 -0.58 -5.71
CA LEU A 155 -12.84 0.46 -6.68
C LEU A 155 -11.63 0.36 -7.66
N VAL A 156 -11.88 0.43 -8.96
CA VAL A 156 -10.82 0.50 -9.95
C VAL A 156 -11.06 1.75 -10.74
N PHE A 157 -10.02 2.55 -10.83
CA PHE A 157 -10.07 3.79 -11.49
C PHE A 157 -8.84 3.97 -12.36
N GLY A 158 -8.96 4.87 -13.33
CA GLY A 158 -7.85 5.13 -14.22
C GLY A 158 -8.29 5.61 -15.57
N ASP A 159 -7.38 5.57 -16.50
CA ASP A 159 -7.62 6.07 -17.83
C ASP A 159 -7.32 4.99 -18.81
N GLU A 160 -7.11 5.36 -20.08
CA GLU A 160 -6.90 4.34 -21.10
C GLU A 160 -5.58 3.59 -20.99
N THR A 161 -4.59 4.15 -20.32
CA THR A 161 -3.31 3.46 -20.18
C THR A 161 -2.82 3.17 -18.77
N HIS A 162 -3.51 3.66 -17.74
CA HIS A 162 -3.16 3.41 -16.32
C HIS A 162 -4.36 2.97 -15.54
N SER A 163 -4.16 2.08 -14.56
CA SER A 163 -5.22 1.60 -13.65
C SER A 163 -4.71 1.58 -12.26
N HIS A 164 -5.60 1.84 -11.29
CA HIS A 164 -5.25 1.76 -9.90
C HIS A 164 -6.42 1.10 -9.22
N PHE A 165 -6.20 0.43 -8.10
CA PHE A 165 -7.34 -0.03 -7.32
C PHE A 165 -7.20 0.35 -5.86
N LEU A 166 -8.34 0.35 -5.20
CA LEU A 166 -8.48 0.54 -3.78
C LEU A 166 -9.51 -0.42 -3.23
N VAL A 167 -9.31 -0.89 -2.01
CA VAL A 167 -10.44 -1.44 -1.23
C VAL A 167 -10.90 -0.43 -0.16
N ILE A 168 -12.19 -0.47 0.12
CA ILE A 168 -12.94 0.58 0.87
C ILE A 168 -14.01 -0.06 1.75
N GLY A 169 -14.41 0.63 2.81
CA GLY A 169 -15.48 0.18 3.69
C GLY A 169 -15.09 0.06 5.14
N GLN A 170 -16.06 -0.36 5.99
CA GLN A 170 -15.81 -0.29 7.39
C GLN A 170 -14.71 -1.24 7.78
N ALA A 171 -14.64 -2.42 7.18
CA ALA A 171 -13.57 -3.38 7.47
C ALA A 171 -12.22 -2.81 7.12
N VAL A 172 -12.12 -2.07 6.02
CA VAL A 172 -10.88 -1.44 5.69
C VAL A 172 -10.56 -0.33 6.72
N ASP A 173 -11.54 0.52 7.03
CA ASP A 173 -11.32 1.55 8.11
C ASP A 173 -10.89 0.81 9.42
N ASP A 174 -11.57 -0.29 9.76
CA ASP A 174 -11.35 -1.06 10.99
C ASP A 174 -9.96 -1.63 11.11
N VAL A 175 -9.42 -2.16 10.00
CA VAL A 175 -8.18 -2.89 10.05
C VAL A 175 -7.06 -1.91 10.34
N ARG A 176 -7.23 -0.68 9.91
CA ARG A 176 -6.32 0.39 10.29
C ARG A 176 -6.39 0.72 11.80
N LEU A 177 -7.59 0.87 12.30
CA LEU A 177 -7.75 1.27 13.72
C LEU A 177 -7.08 0.18 14.57
N ALA A 178 -7.43 -1.06 14.26
CA ALA A 178 -6.92 -2.24 14.92
C ALA A 178 -5.42 -2.33 14.96
N GLN A 179 -4.78 -2.12 13.83
CA GLN A 179 -3.33 -2.19 13.83
C GLN A 179 -2.70 -0.97 14.56
N ASN A 180 -3.26 0.24 14.47
CA ASN A 180 -2.76 1.38 15.28
C ASN A 180 -2.72 1.04 16.80
N MET A 181 -3.71 0.29 17.29
CA MET A 181 -3.76 -0.08 18.74
C MET A 181 -2.76 -1.14 19.17
N ALA A 182 -2.22 -1.92 18.26
CA ALA A 182 -1.39 -3.06 18.66
C ALA A 182 -0.08 -2.57 19.28
N GLN A 183 0.26 -3.07 20.47
CA GLN A 183 1.62 -2.91 20.93
C GLN A 183 2.36 -3.86 20.01
N MET A 184 3.66 -3.97 20.20
CA MET A 184 4.43 -4.90 19.41
C MET A 184 4.04 -6.29 19.85
N ASN A 185 3.84 -7.16 18.87
CA ASN A 185 3.65 -8.57 19.07
C ASN A 185 2.16 -8.91 19.27
N ASP A 186 1.30 -7.90 19.19
CA ASP A 186 -0.11 -8.13 19.36
C ASP A 186 -0.74 -8.54 18.04
N VAL A 187 -1.81 -9.30 18.17
CA VAL A 187 -2.81 -9.43 17.13
C VAL A 187 -4.09 -8.83 17.67
N ILE A 188 -4.54 -7.77 17.01
CA ILE A 188 -5.73 -7.13 17.41
C ILE A 188 -6.87 -7.41 16.45
N LEU A 189 -8.04 -7.74 16.99
CA LEU A 189 -9.25 -7.87 16.18
C LEU A 189 -10.14 -6.65 16.25
N SER A 190 -10.65 -6.22 15.10
CA SER A 190 -11.71 -5.22 15.10
C SER A 190 -12.97 -5.70 15.83
N PRO A 191 -13.82 -4.74 16.25
CA PRO A 191 -15.07 -5.11 16.92
C PRO A 191 -15.90 -6.06 16.04
N ASN A 192 -16.03 -5.76 14.75
CA ASN A 192 -16.86 -6.63 13.91
C ASN A 192 -16.19 -8.00 13.75
N CYS A 193 -14.88 -8.02 13.56
CA CYS A 193 -14.14 -9.30 13.51
C CYS A 193 -14.38 -10.13 14.79
N TRP A 194 -14.24 -9.51 15.94
CA TRP A 194 -14.55 -10.18 17.19
C TRP A 194 -16.03 -10.66 17.26
N GLN A 195 -16.97 -9.86 16.79
CA GLN A 195 -18.40 -10.28 16.70
C GLN A 195 -18.63 -11.54 15.84
N LEU A 196 -17.93 -11.62 14.72
CA LEU A 196 -18.13 -12.66 13.71
C LEU A 196 -17.28 -13.91 13.99
N CYS A 197 -16.29 -13.82 14.89
CA CYS A 197 -15.31 -14.94 14.99
C CYS A 197 -15.81 -16.09 15.83
N ASP A 198 -15.06 -17.19 15.83
CA ASP A 198 -15.37 -18.35 16.61
C ASP A 198 -14.80 -18.18 18.04
N ARG A 199 -15.62 -17.53 18.85
CA ARG A 199 -15.28 -17.14 20.19
C ARG A 199 -14.92 -18.33 21.07
N SER A 200 -15.39 -19.52 20.73
CA SER A 200 -15.02 -20.70 21.50
C SER A 200 -13.57 -21.08 21.31
N MET A 201 -13.00 -20.70 20.20
CA MET A 201 -11.62 -21.00 19.87
C MET A 201 -10.56 -20.05 20.43
N ILE A 202 -10.90 -18.80 20.64
CA ILE A 202 -9.87 -17.82 20.91
C ILE A 202 -10.11 -17.11 22.24
N GLU A 203 -9.04 -16.92 23.00
CA GLU A 203 -9.02 -16.23 24.27
C GLU A 203 -8.46 -14.85 24.06
N ILE A 204 -9.22 -13.83 24.48
CA ILE A 204 -8.92 -12.43 24.23
C ILE A 204 -8.88 -11.57 25.48
N GLU A 205 -8.24 -10.40 25.38
CA GLU A 205 -8.40 -9.33 26.39
C GLU A 205 -9.03 -8.13 25.75
N SER A 206 -9.72 -7.42 26.63
CA SER A 206 -10.13 -6.06 26.38
C SER A 206 -8.93 -5.15 26.14
N VAL A 207 -9.20 -4.11 25.38
CA VAL A 207 -8.21 -3.12 25.04
C VAL A 207 -8.85 -1.89 25.66
N PRO A 208 -8.16 -1.28 26.62
CA PRO A 208 -8.78 -0.18 27.37
C PRO A 208 -9.36 0.91 26.44
N ASP A 209 -10.61 1.31 26.69
CA ASP A 209 -11.28 2.41 25.96
C ASP A 209 -11.50 2.08 24.47
N GLN A 210 -11.52 0.79 24.13
CA GLN A 210 -11.69 0.33 22.75
C GLN A 210 -12.63 -0.85 22.73
N ARG A 211 -13.34 -1.05 21.62
CA ARG A 211 -14.20 -2.23 21.50
C ARG A 211 -13.48 -3.39 20.81
N ALA A 212 -12.40 -3.07 20.09
CA ALA A 212 -11.47 -4.07 19.57
C ALA A 212 -10.88 -4.88 20.73
N VAL A 213 -10.40 -6.08 20.42
CA VAL A 213 -9.78 -6.93 21.41
C VAL A 213 -8.45 -7.45 20.96
N LYS A 214 -7.73 -7.98 21.94
CA LYS A 214 -6.43 -8.54 21.68
C LYS A 214 -6.49 -10.04 21.81
N VAL A 215 -5.86 -10.75 20.88
CA VAL A 215 -5.75 -12.20 20.98
C VAL A 215 -4.66 -12.68 21.94
N ASN A 216 -5.05 -13.42 22.99
CA ASN A 216 -4.04 -13.98 23.90
C ASN A 216 -3.59 -15.33 23.37
N PHE A 217 -4.55 -16.22 23.08
CA PHE A 217 -4.21 -17.54 22.56
C PHE A 217 -5.34 -18.05 21.69
N LEU A 218 -4.96 -18.98 20.82
CA LEU A 218 -5.83 -19.89 20.08
C LEU A 218 -5.91 -21.18 20.88
N LYS A 219 -7.14 -21.57 21.23
CA LYS A 219 -7.39 -22.68 22.15
C LYS A 219 -8.44 -23.63 21.60
N PRO A 220 -8.03 -24.46 20.65
CA PRO A 220 -8.96 -25.35 19.99
C PRO A 220 -9.49 -26.46 20.90
N PRO A 221 -10.70 -26.97 20.59
CA PRO A 221 -11.30 -28.02 21.31
C PRO A 221 -10.57 -29.35 21.09
N PRO A 222 -10.81 -30.33 21.99
CA PRO A 222 -10.32 -31.69 21.90
C PRO A 222 -10.29 -32.29 20.53
N ASN A 223 -11.40 -32.34 19.83
CA ASN A 223 -11.26 -33.10 18.63
C ASN A 223 -10.57 -32.27 17.53
N PHE A 224 -10.08 -31.05 17.81
CA PHE A 224 -9.70 -30.14 16.68
C PHE A 224 -8.35 -30.42 16.01
N ASN A 225 -8.34 -30.48 14.68
CA ASN A 225 -7.11 -30.73 13.95
C ASN A 225 -6.93 -29.63 12.87
N PHE A 226 -5.99 -28.72 13.09
CA PHE A 226 -5.93 -27.50 12.28
C PHE A 226 -5.72 -27.84 10.81
N ASP A 227 -4.92 -28.86 10.51
CA ASP A 227 -4.67 -29.22 9.11
C ASP A 227 -5.92 -29.72 8.42
N GLU A 228 -6.72 -30.52 9.11
CA GLU A 228 -7.98 -30.97 8.55
C GLU A 228 -8.97 -29.83 8.43
N PHE A 229 -8.99 -28.91 9.40
CA PHE A 229 -9.84 -27.71 9.36
C PHE A 229 -9.43 -26.85 8.16
N PHE A 230 -8.14 -26.66 8.02
CA PHE A 230 -7.63 -25.87 6.90
C PHE A 230 -8.03 -26.44 5.56
N THR A 231 -7.91 -27.75 5.41
CA THR A 231 -8.31 -28.39 4.15
C THR A 231 -9.79 -28.12 3.84
N LYS A 232 -10.65 -28.21 4.86
CA LYS A 232 -11.99 -27.85 4.68
C LYS A 232 -12.14 -26.44 4.20
N CYS A 233 -11.43 -25.50 4.82
CA CYS A 233 -11.47 -24.11 4.42
C CYS A 233 -11.05 -23.88 2.95
N THR A 234 -10.16 -24.71 2.43
CA THR A 234 -9.71 -24.56 1.01
C THR A 234 -10.80 -24.77 -0.01
N THR A 235 -11.89 -25.45 0.38
CA THR A 235 -13.07 -25.58 -0.51
C THR A 235 -13.58 -24.29 -0.99
N PHE A 236 -13.43 -23.30 -0.12
CA PHE A 236 -13.91 -22.03 -0.36
C PHE A 236 -12.88 -21.03 -0.90
N MET A 237 -11.66 -21.47 -1.16
CA MET A 237 -10.58 -20.58 -1.69
C MET A 237 -10.39 -20.93 -3.15
N HIS A 238 -10.86 -20.02 -3.99
CA HIS A 238 -10.95 -20.24 -5.44
C HIS A 238 -9.61 -20.51 -6.03
N TYR A 239 -8.56 -19.80 -5.58
CA TYR A 239 -7.26 -19.88 -6.24
C TYR A 239 -6.13 -20.56 -5.47
N TYR A 240 -6.45 -21.28 -4.40
CA TYR A 240 -5.43 -21.97 -3.66
C TYR A 240 -4.72 -23.04 -4.51
N PRO A 241 -3.38 -22.95 -4.66
CA PRO A 241 -2.67 -23.86 -5.53
C PRO A 241 -2.89 -25.31 -5.09
N SER A 242 -3.22 -26.19 -6.01
CA SER A 242 -3.66 -27.48 -5.61
C SER A 242 -3.36 -28.48 -6.74
N GLY A 243 -3.39 -29.75 -6.37
CA GLY A 243 -3.25 -30.86 -7.34
C GLY A 243 -1.86 -30.90 -7.93
N GLU A 244 -1.80 -30.83 -9.23
CA GLU A 244 -0.52 -30.71 -9.92
C GLU A 244 0.29 -29.44 -9.49
N HIS A 245 -0.41 -28.42 -9.06
CA HIS A 245 0.23 -27.13 -8.72
C HIS A 245 0.32 -26.89 -7.21
N LYS A 246 0.22 -27.94 -6.41
CA LYS A 246 0.28 -27.78 -4.97
C LYS A 246 1.65 -27.38 -4.44
N ASN A 247 2.65 -27.47 -5.29
CA ASN A 247 3.99 -27.07 -4.92
C ASN A 247 4.23 -25.57 -5.19
N LEU A 248 3.25 -24.81 -5.69
CA LEU A 248 3.50 -23.40 -6.07
C LEU A 248 2.94 -22.47 -5.02
N LEU A 249 3.59 -21.32 -4.82
CA LEU A 249 3.03 -20.32 -3.91
C LEU A 249 1.83 -19.57 -4.43
N ARG A 250 1.76 -19.41 -5.74
CA ARG A 250 0.63 -18.76 -6.40
C ARG A 250 0.26 -19.43 -7.68
N LEU A 251 -1.04 -19.49 -7.91
CA LEU A 251 -1.56 -19.93 -9.19
C LEU A 251 -1.11 -19.02 -10.31
N ALA A 252 -0.91 -17.74 -10.03
CA ALA A 252 -0.45 -16.79 -11.04
C ALA A 252 0.91 -17.16 -11.64
N THR A 254 1.41 -19.82 -12.95
CA THR A 254 1.04 -20.64 -14.10
C THR A 254 0.39 -19.89 -15.24
N LEU A 255 0.26 -18.58 -15.14
CA LEU A 255 -0.42 -17.78 -16.18
C LEU A 255 0.27 -17.95 -17.52
N LYS A 256 -0.47 -18.11 -18.56
CA LYS A 256 0.10 -18.29 -19.90
C LYS A 256 -0.04 -16.97 -20.67
N PRO A 257 0.88 -16.71 -21.60
CA PRO A 257 0.74 -15.60 -22.54
C PRO A 257 -0.67 -15.45 -23.08
N ASP A 258 -1.16 -14.22 -23.04
CA ASP A 258 -2.51 -13.86 -23.35
C ASP A 258 -2.51 -12.37 -23.58
N PRO A 259 -2.36 -11.94 -24.81
CA PRO A 259 -2.14 -10.48 -25.03
C PRO A 259 -3.21 -9.56 -24.47
N GLU A 260 -4.48 -9.94 -24.53
CA GLU A 260 -5.53 -9.14 -23.95
C GLU A 260 -5.40 -8.98 -22.42
N LEU A 261 -5.10 -10.06 -21.73
CA LEU A 261 -4.93 -9.99 -20.30
C LEU A 261 -3.67 -9.17 -19.96
N GLU A 262 -2.59 -9.42 -20.66
CA GLU A 262 -1.35 -8.65 -20.40
C GLU A 262 -1.52 -7.16 -20.64
N MET A 263 -2.23 -6.78 -21.70
CA MET A 263 -2.58 -5.35 -21.90
C MET A 263 -3.33 -4.77 -20.68
N SER A 264 -4.26 -5.52 -20.14
CA SER A 264 -5.03 -5.05 -18.98
CA SER A 264 -5.03 -5.03 -18.97
C SER A 264 -4.13 -4.95 -17.72
N LEU A 265 -3.32 -5.97 -17.48
CA LEU A 265 -2.46 -5.99 -16.25
C LEU A 265 -1.34 -5.02 -16.29
N GLN A 266 -0.79 -4.78 -17.47
CA GLN A 266 0.34 -3.87 -17.55
C GLN A 266 -0.02 -2.41 -17.15
N LYS A 267 -1.27 -2.06 -17.24
CA LYS A 267 -1.70 -0.71 -16.91
C LYS A 267 -1.56 -0.41 -15.43
N TYR A 268 -1.45 -1.44 -14.62
CA TYR A 268 -1.30 -1.28 -13.19
C TYR A 268 0.17 -1.05 -12.74
N VAL A 269 1.14 -1.22 -13.64
CA VAL A 269 2.54 -1.24 -13.29
C VAL A 269 3.25 -0.05 -13.91
N MET A 270 4.19 0.56 -13.21
CA MET A 270 4.86 1.72 -13.84
CA MET A 270 5.00 1.68 -13.71
C MET A 270 5.82 1.32 -14.95
N GLU A 271 5.98 2.24 -15.92
CA GLU A 271 6.76 1.99 -17.09
C GLU A 271 8.21 1.51 -16.79
N SER A 272 8.88 2.11 -15.80
CA SER A 272 10.24 1.71 -15.47
C SER A 272 10.31 0.27 -14.95
N ILE A 273 9.22 -0.19 -14.30
CA ILE A 273 9.19 -1.58 -13.86
C ILE A 273 9.04 -2.54 -15.06
N LEU A 274 8.17 -2.17 -15.97
CA LEU A 274 8.01 -2.89 -17.23
C LEU A 274 9.32 -2.98 -18.03
N LYS A 275 10.15 -1.93 -17.99
CA LYS A 275 11.41 -1.96 -18.68
C LYS A 275 12.30 -3.04 -18.12
N GLN A 276 12.29 -3.16 -16.80
CA GLN A 276 13.02 -4.25 -16.12
C GLN A 276 12.50 -5.62 -16.48
N ILE A 277 11.18 -5.74 -16.42
CA ILE A 277 10.47 -6.97 -16.79
C ILE A 277 10.84 -7.42 -18.17
N ASP A 278 11.00 -6.47 -19.05
CA ASP A 278 11.28 -6.77 -20.45
C ASP A 278 12.78 -6.98 -20.72
N ASN A 279 13.57 -7.06 -19.68
CA ASN A 279 15.02 -7.21 -19.79
C ASN A 279 15.67 -6.14 -20.59
N LYS A 280 15.18 -4.93 -20.44
CA LYS A 280 15.72 -3.77 -21.11
C LYS A 280 16.41 -2.79 -20.12
N GLN A 281 16.50 -3.15 -18.83
CA GLN A 281 17.16 -2.34 -17.80
C GLN A 281 17.66 -3.33 -16.76
N LEU A 282 18.81 -3.04 -16.22
CA LEU A 282 19.37 -3.95 -15.18
C LEU A 282 18.51 -4.00 -13.94
N GLN A 283 18.41 -5.16 -13.32
CA GLN A 283 17.55 -5.36 -12.15
C GLN A 283 17.93 -4.53 -11.00
N GLY A 284 19.16 -4.10 -10.95
CA GLY A 284 19.60 -3.34 -9.83
C GLY A 284 19.33 -1.90 -9.88
N TYR A 285 18.95 -1.35 -11.06
CA TYR A 285 18.81 0.02 -11.29
C TYR A 285 17.73 0.63 -10.41
N LEU A 286 16.68 -0.10 -10.06
CA LEU A 286 15.59 0.53 -9.36
C LEU A 286 15.80 0.55 -7.84
N SER A 287 16.84 -0.11 -7.31
CA SER A 287 17.06 -0.02 -5.85
C SER A 287 17.96 1.14 -5.60
N GLU A 288 17.48 2.16 -4.92
CA GLU A 288 18.40 3.31 -4.77
C GLU A 288 17.96 4.16 -3.60
N LEU A 289 18.89 4.91 -3.09
CA LEU A 289 18.58 5.94 -2.08
C LEU A 289 18.75 7.21 -2.87
N ARG A 290 17.63 7.87 -3.16
CA ARG A 290 17.52 8.90 -4.20
C ARG A 290 16.79 10.15 -3.60
N PRO A 291 17.25 11.35 -4.00
CA PRO A 291 16.59 12.58 -3.61
C PRO A 291 15.35 12.73 -4.43
N VAL A 292 14.23 12.91 -3.77
CA VAL A 292 12.97 13.13 -4.44
C VAL A 292 12.16 14.18 -3.65
N THR A 293 11.08 14.61 -4.26
CA THR A 293 10.00 15.35 -3.61
C THR A 293 8.68 14.55 -3.59
N ILE A 294 8.18 14.26 -2.39
CA ILE A 294 6.92 13.59 -2.17
C ILE A 294 5.81 14.66 -2.12
N VAL A 295 4.74 14.45 -2.89
CA VAL A 295 3.51 15.20 -2.78
C VAL A 295 2.39 14.22 -2.43
N PHE A 296 1.92 14.28 -1.18
CA PHE A 296 0.99 13.35 -0.64
C PHE A 296 -0.32 14.06 -0.60
N VAL A 297 -1.26 13.56 -1.39
CA VAL A 297 -2.57 14.20 -1.58
C VAL A 297 -3.67 13.46 -0.89
N ASN A 298 -4.38 14.10 0.04
CA ASN A 298 -5.47 13.46 0.72
C ASN A 298 -6.80 14.08 0.36
N LEU A 299 -7.77 13.20 0.05
CA LEU A 299 -9.11 13.66 -0.28
C LEU A 299 -10.07 13.08 0.76
N MET A 300 -10.81 13.94 1.43
CA MET A 300 -11.80 13.46 2.42
C MET A 300 -13.22 13.61 1.87
N PHE A 301 -14.10 12.72 2.28
CA PHE A 301 -15.45 12.59 1.78
C PHE A 301 -16.38 12.62 2.98
N GLU A 302 -17.64 12.91 2.76
CA GLU A 302 -18.60 12.86 3.86
C GLU A 302 -18.81 11.43 4.37
N ASP A 303 -18.75 10.45 3.46
CA ASP A 303 -18.89 9.02 3.77
C ASP A 303 -17.94 8.14 2.91
N GLN A 304 -16.81 7.76 3.49
CA GLN A 304 -15.76 7.11 2.69
C GLN A 304 -15.97 5.60 2.57
N ASP A 305 -17.09 5.12 3.09
CA ASP A 305 -17.44 3.69 2.97
C ASP A 305 -18.35 3.37 1.80
N LYS A 306 -18.83 4.40 1.10
CA LYS A 306 -19.80 4.25 0.01
C LYS A 306 -19.18 4.39 -1.34
N ALA A 307 -18.80 3.28 -1.95
CA ALA A 307 -18.09 3.33 -3.24
C ALA A 307 -18.81 4.11 -4.33
N GLU A 308 -20.12 4.05 -4.37
CA GLU A 308 -20.86 4.63 -5.46
C GLU A 308 -20.86 6.13 -5.37
N GLU A 309 -20.71 6.65 -4.16
CA GLU A 309 -20.52 8.09 -3.95
C GLU A 309 -19.06 8.52 -4.24
N ILE A 310 -18.11 7.80 -3.66
CA ILE A 310 -16.77 8.33 -3.70
C ILE A 310 -16.08 7.91 -4.98
N GLY A 311 -16.54 6.82 -5.62
CA GLY A 311 -15.89 6.33 -6.82
C GLY A 311 -15.75 7.36 -7.94
N PRO A 312 -16.86 8.00 -8.35
CA PRO A 312 -16.73 9.01 -9.43
C PRO A 312 -15.83 10.17 -9.06
N ALA A 313 -15.88 10.59 -7.81
CA ALA A 313 -15.03 11.70 -7.35
C ALA A 313 -13.54 11.37 -7.41
N ILE A 314 -13.21 10.19 -6.94
CA ILE A 314 -11.79 9.70 -7.05
C ILE A 314 -11.39 9.59 -8.48
N GLN A 315 -12.27 9.11 -9.33
CA GLN A 315 -11.90 9.03 -10.76
C GLN A 315 -11.65 10.44 -11.34
N ASP A 316 -12.54 11.35 -11.01
CA ASP A 316 -12.34 12.75 -11.49
C ASP A 316 -11.05 13.40 -11.02
N ALA A 317 -10.77 13.26 -9.71
CA ALA A 317 -9.53 13.70 -9.13
C ALA A 317 -8.34 13.02 -9.82
N TYR A 318 -8.43 11.71 -9.98
CA TYR A 318 -7.33 11.01 -10.67
C TYR A 318 -7.03 11.57 -12.08
N MET A 319 -8.09 11.82 -12.88
CA MET A 319 -7.87 12.31 -14.24
C MET A 319 -7.09 13.65 -14.23
N HIS A 320 -7.40 14.50 -13.26
CA HIS A 320 -6.74 15.76 -13.15
C HIS A 320 -5.33 15.58 -12.61
N ILE A 321 -5.18 14.79 -11.55
CA ILE A 321 -3.83 14.54 -10.99
C ILE A 321 -2.91 13.99 -12.03
N THR A 322 -3.38 13.01 -12.80
CA THR A 322 -2.50 12.40 -13.73
C THR A 322 -2.08 13.38 -14.84
N SER A 323 -2.97 14.30 -15.21
CA SER A 323 -2.65 15.30 -16.23
CA SER A 323 -2.64 15.29 -16.22
C SER A 323 -1.58 16.32 -15.72
N VAL A 324 -1.77 16.80 -14.50
CA VAL A 324 -0.83 17.68 -13.84
C VAL A 324 0.53 17.00 -13.63
N LEU A 325 0.53 15.76 -13.16
CA LEU A 325 1.78 14.99 -12.96
C LEU A 325 2.50 14.78 -14.29
N LYS A 326 1.76 14.53 -15.36
CA LYS A 326 2.34 14.19 -16.66
C LYS A 326 3.27 15.28 -17.15
N ILE A 327 2.83 16.51 -16.99
CA ILE A 327 3.56 17.66 -17.52
CA ILE A 327 3.56 17.62 -17.55
C ILE A 327 4.95 17.72 -16.87
N PHE A 328 5.08 17.29 -15.61
CA PHE A 328 6.42 17.24 -14.94
C PHE A 328 7.07 15.92 -14.67
N GLN A 329 6.53 14.85 -15.23
CA GLN A 329 7.08 13.54 -14.99
C GLN A 329 6.98 13.15 -13.50
N GLY A 330 6.05 13.77 -12.75
CA GLY A 330 5.68 13.18 -11.46
C GLY A 330 5.00 11.86 -11.70
N GLN A 331 4.95 11.01 -10.69
CA GLN A 331 4.33 9.69 -10.82
C GLN A 331 3.48 9.45 -9.60
N ILE A 332 2.37 8.74 -9.77
CA ILE A 332 1.67 8.21 -8.63
C ILE A 332 2.37 6.92 -8.22
N ASN A 333 2.94 6.82 -7.04
CA ASN A 333 3.55 5.58 -6.57
C ASN A 333 2.51 4.62 -5.94
N LYS A 334 1.56 5.16 -5.21
CA LYS A 334 0.57 4.34 -4.55
C LYS A 334 -0.65 5.18 -4.28
N VAL A 335 -1.78 4.50 -4.08
CA VAL A 335 -3.02 5.11 -3.58
C VAL A 335 -3.46 4.19 -2.49
N PHE A 336 -3.83 4.72 -1.34
CA PHE A 336 -4.21 3.98 -0.20
C PHE A 336 -5.45 4.65 0.34
N MET A 337 -6.31 3.91 1.02
CA MET A 337 -7.24 4.53 2.01
C MET A 337 -6.48 4.82 3.29
N PHE A 338 -6.77 5.98 3.88
CA PHE A 338 -6.40 6.33 5.21
C PHE A 338 -7.66 6.25 6.09
N ASP A 339 -7.48 6.33 7.42
CA ASP A 339 -8.64 6.42 8.34
C ASP A 339 -9.55 7.55 7.85
N LYS A 340 -8.93 8.68 7.50
CA LYS A 340 -9.68 9.73 6.87
C LYS A 340 -9.21 9.94 5.47
N GLY A 341 -10.01 9.47 4.50
CA GLY A 341 -9.83 9.83 3.10
C GLY A 341 -9.02 8.92 2.18
N CYS A 342 -9.02 9.25 0.91
CA CYS A 342 -8.22 8.63 -0.07
C CYS A 342 -6.91 9.42 -0.28
N SER A 343 -5.77 8.74 -0.29
CA SER A 343 -4.45 9.42 -0.36
C SER A 343 -3.64 8.95 -1.58
N PHE A 344 -3.12 9.90 -2.33
CA PHE A 344 -2.29 9.64 -3.48
C PHE A 344 -0.89 9.99 -3.11
N LEU A 345 0.01 8.98 -3.15
CA LEU A 345 1.43 9.20 -2.90
C LEU A 345 2.16 9.48 -4.21
N CYS A 346 2.44 10.74 -4.49
CA CYS A 346 3.01 11.17 -5.74
C CYS A 346 4.48 11.54 -5.52
N VAL A 347 5.31 11.24 -6.53
CA VAL A 347 6.73 11.38 -6.40
C VAL A 347 7.31 12.10 -7.61
N PHE A 348 8.13 13.06 -7.32
CA PHE A 348 8.88 13.82 -8.35
C PHE A 348 10.35 13.49 -8.13
N GLY A 349 11.05 13.15 -9.23
CA GLY A 349 12.45 12.66 -9.22
C GLY A 349 12.65 11.13 -9.30
N PHE A 350 11.69 10.36 -9.83
CA PHE A 350 11.78 8.87 -9.80
C PHE A 350 12.86 8.36 -10.81
N PRO A 351 12.98 6.99 -11.04
CA PRO A 351 13.82 6.46 -12.15
C PRO A 351 13.91 7.33 -13.42
N GLY A 352 15.06 7.98 -13.64
CA GLY A 352 15.30 8.78 -14.86
C GLY A 352 14.28 9.88 -15.16
N GLU A 353 13.64 10.42 -14.12
CA GLU A 353 12.68 11.53 -14.25
C GLU A 353 13.24 12.79 -13.53
N LYS A 354 14.57 12.91 -13.45
CA LYS A 354 15.27 13.94 -12.66
C LYS A 354 15.54 15.23 -13.47
N VAL A 355 14.60 16.17 -13.38
CA VAL A 355 14.63 17.47 -14.11
C VAL A 355 14.78 18.65 -13.12
N PRO A 356 15.26 19.83 -13.60
CA PRO A 356 15.59 20.90 -12.65
C PRO A 356 14.33 21.65 -12.16
N ASP A 357 14.49 22.36 -11.03
CA ASP A 357 13.38 23.04 -10.31
C ASP A 357 12.31 22.12 -9.86
N GLU A 358 12.71 20.90 -9.60
CA GLU A 358 11.81 19.88 -9.06
C GLU A 358 10.87 20.55 -8.02
N LEU A 359 11.40 21.49 -7.23
CA LEU A 359 10.72 22.01 -6.04
C LEU A 359 9.62 23.04 -6.32
N THR A 360 9.93 24.03 -7.15
CA THR A 360 8.96 25.05 -7.51
C THR A 360 7.77 24.39 -8.24
N HIS A 361 8.13 23.44 -9.10
CA HIS A 361 7.21 22.72 -9.90
C HIS A 361 6.38 21.85 -9.01
N ALA A 362 7.02 21.26 -8.00
CA ALA A 362 6.27 20.39 -7.13
C ALA A 362 5.19 21.22 -6.38
N LEU A 363 5.58 22.39 -5.89
CA LEU A 363 4.63 23.29 -5.19
C LEU A 363 3.53 23.76 -6.11
N GLU A 364 3.87 24.20 -7.32
CA GLU A 364 2.82 24.61 -8.29
C GLU A 364 1.91 23.48 -8.68
N CYS A 365 2.45 22.30 -8.92
CA CYS A 365 1.65 21.10 -9.13
CA CYS A 365 1.61 21.13 -9.18
C CYS A 365 0.68 20.83 -7.97
N ALA A 366 1.23 20.85 -6.76
CA ALA A 366 0.39 20.66 -5.60
C ALA A 366 -0.74 21.66 -5.60
N MET A 367 -0.44 22.94 -5.84
CA MET A 367 -1.49 23.93 -5.77
C MET A 367 -2.58 23.70 -6.82
N ASP A 368 -2.16 23.30 -7.98
CA ASP A 368 -3.09 23.04 -9.09
C ASP A 368 -4.01 21.90 -8.70
N ILE A 369 -3.45 20.85 -8.15
CA ILE A 369 -4.23 19.74 -7.70
C ILE A 369 -5.19 20.16 -6.59
N PHE A 370 -4.70 20.95 -5.65
CA PHE A 370 -5.52 21.48 -4.58
C PHE A 370 -6.75 22.27 -5.10
N ASP A 371 -6.50 23.16 -6.07
CA ASP A 371 -7.59 24.02 -6.58
C ASP A 371 -8.58 23.20 -7.33
N PHE A 372 -8.12 22.28 -8.16
CA PHE A 372 -9.05 21.47 -8.95
C PHE A 372 -9.85 20.51 -8.08
N CYS A 373 -9.15 19.71 -7.29
CA CYS A 373 -9.85 18.74 -6.40
C CYS A 373 -10.81 19.39 -5.43
N SER A 374 -10.54 20.63 -5.00
CA SER A 374 -11.44 21.32 -4.12
C SER A 374 -12.83 21.57 -4.73
N GLN A 375 -12.94 21.54 -6.05
CA GLN A 375 -14.23 21.83 -6.70
C GLN A 375 -14.89 20.59 -7.27
N VAL A 376 -14.32 19.40 -7.00
CA VAL A 376 -14.89 18.14 -7.41
C VAL A 376 -16.05 17.79 -6.47
N HIS A 377 -17.18 17.45 -7.10
CA HIS A 377 -18.42 17.14 -6.41
C HIS A 377 -18.16 16.02 -5.45
N LYS A 378 -18.48 16.21 -4.17
CA LYS A 378 -18.33 15.17 -3.14
C LYS A 378 -17.02 15.17 -2.39
N ILE A 379 -16.01 15.86 -2.88
CA ILE A 379 -14.78 15.94 -2.09
C ILE A 379 -14.99 17.06 -1.09
N GLN A 380 -14.90 16.74 0.18
CA GLN A 380 -15.16 17.67 1.26
C GLN A 380 -13.95 18.52 1.60
N THR A 381 -12.77 17.89 1.65
CA THR A 381 -11.54 18.57 2.03
C THR A 381 -10.37 17.99 1.23
N VAL A 382 -9.48 18.83 0.76
CA VAL A 382 -8.23 18.36 0.15
C VAL A 382 -7.10 18.87 1.02
N SER A 383 -6.11 18.02 1.24
CA SER A 383 -4.97 18.39 2.03
C SER A 383 -3.76 17.82 1.34
N ILE A 384 -2.70 18.59 1.20
CA ILE A 384 -1.54 18.12 0.51
C ILE A 384 -0.27 18.44 1.26
N GLY A 385 0.55 17.41 1.50
CA GLY A 385 1.85 17.54 2.14
C GLY A 385 2.99 17.36 1.20
N VAL A 386 3.96 18.28 1.22
CA VAL A 386 5.07 18.24 0.28
C VAL A 386 6.33 18.19 1.09
N ALA A 387 7.17 17.20 0.81
CA ALA A 387 8.40 17.04 1.60
C ALA A 387 9.48 16.52 0.70
N SER A 388 10.72 16.92 0.91
CA SER A 388 11.77 16.58 -0.03
CA SER A 388 11.78 16.64 -0.03
C SER A 388 13.03 16.13 0.67
N GLY A 389 13.62 15.06 0.14
CA GLY A 389 14.89 14.57 0.67
C GLY A 389 15.19 13.17 0.15
N ILE A 390 16.08 12.48 0.85
CA ILE A 390 16.57 11.15 0.41
C ILE A 390 15.57 10.12 0.83
N VAL A 391 15.10 9.36 -0.16
CA VAL A 391 14.22 8.29 0.17
C VAL A 391 14.75 6.99 -0.50
N PHE A 392 14.40 5.88 0.10
CA PHE A 392 14.65 4.55 -0.51
C PHE A 392 13.56 4.28 -1.52
N CYS A 393 13.98 3.87 -2.70
CA CYS A 393 13.07 3.35 -3.67
C CYS A 393 13.56 1.94 -4.09
N GLY A 394 12.60 1.02 -4.25
CA GLY A 394 12.95 -0.31 -4.67
C GLY A 394 11.75 -1.24 -4.67
N ILE A 395 11.98 -2.41 -5.21
CA ILE A 395 10.95 -3.46 -5.26
C ILE A 395 11.01 -4.34 -4.01
N VAL A 396 9.97 -4.23 -3.21
CA VAL A 396 9.88 -4.90 -1.95
C VAL A 396 8.91 -6.05 -1.99
N GLY A 397 9.23 -7.14 -1.28
CA GLY A 397 8.39 -8.32 -1.15
C GLY A 397 9.09 -9.62 -1.50
N HIS A 398 8.31 -10.56 -1.97
CA HIS A 398 8.75 -11.92 -2.30
C HIS A 398 8.96 -12.01 -3.83
N THR A 399 9.80 -12.93 -4.28
CA THR A 399 9.94 -13.25 -5.73
C THR A 399 8.59 -13.33 -6.42
N VAL A 400 7.60 -13.94 -5.79
CA VAL A 400 6.30 -14.15 -6.48
C VAL A 400 5.24 -13.10 -6.22
N ARG A 401 5.53 -12.14 -5.35
CA ARG A 401 4.59 -11.11 -4.95
C ARG A 401 5.34 -9.96 -4.32
N HIS A 402 5.50 -8.94 -5.10
CA HIS A 402 6.32 -7.77 -4.78
C HIS A 402 5.83 -6.51 -5.46
N GLU A 403 6.24 -5.33 -4.97
CA GLU A 403 5.84 -4.05 -5.57
C GLU A 403 6.92 -3.03 -5.38
N TYR A 404 6.96 -2.06 -6.28
CA TYR A 404 7.87 -0.92 -6.17
C TYR A 404 7.35 -0.02 -5.07
N THR A 405 8.22 0.38 -4.15
CA THR A 405 7.79 1.10 -2.98
C THR A 405 8.76 2.19 -2.65
N VAL A 406 8.29 3.26 -2.01
CA VAL A 406 9.21 4.28 -1.52
CA VAL A 406 9.17 4.33 -1.54
C VAL A 406 9.12 4.32 0.01
N ILE A 407 10.25 4.46 0.66
CA ILE A 407 10.31 4.33 2.11
C ILE A 407 11.22 5.44 2.61
N GLY A 408 10.79 6.11 3.66
CA GLY A 408 11.64 7.12 4.22
C GLY A 408 10.92 8.09 5.17
N GLN A 409 11.73 8.68 6.02
CA GLN A 409 11.23 9.73 6.93
C GLN A 409 10.51 10.83 6.17
N LYS A 410 10.98 11.25 4.99
CA LYS A 410 10.22 12.28 4.26
C LYS A 410 8.87 11.82 3.73
N VAL A 411 8.76 10.55 3.37
CA VAL A 411 7.44 9.98 3.01
C VAL A 411 6.50 10.06 4.16
N ASN A 412 6.93 9.62 5.34
CA ASN A 412 6.02 9.67 6.47
CA ASN A 412 6.12 9.67 6.53
C ASN A 412 5.76 11.14 6.95
N LEU A 413 6.73 11.98 6.88
CA LEU A 413 6.49 13.44 7.16
C LEU A 413 5.42 14.04 6.23
N ALA A 414 5.55 13.82 4.94
CA ALA A 414 4.48 14.31 4.01
C ALA A 414 3.09 13.76 4.35
N ALA A 415 3.01 12.49 4.73
CA ALA A 415 1.79 11.86 5.15
C ALA A 415 1.24 12.47 6.38
N ARG A 416 2.10 12.75 7.37
CA ARG A 416 1.60 13.28 8.63
C ARG A 416 1.19 14.76 8.43
N MET A 417 1.93 15.47 7.60
CA MET A 417 1.61 16.92 7.34
C MET A 417 0.17 17.08 6.80
N MET A 418 -0.18 16.26 5.83
CA MET A 418 -1.50 16.33 5.17
C MET A 418 -2.63 15.99 6.12
N MET A 419 -2.34 15.18 7.14
CA MET A 419 -3.32 14.84 8.15
C MET A 419 -3.32 15.83 9.29
N TYR A 420 -2.18 16.33 9.76
CA TYR A 420 -2.20 17.30 10.83
C TYR A 420 -2.48 18.75 10.38
N TYR A 421 -2.41 19.04 9.08
CA TYR A 421 -2.68 20.39 8.58
C TYR A 421 -3.70 20.25 7.47
N PRO A 422 -4.94 19.85 7.81
CA PRO A 422 -5.88 19.55 6.78
C PRO A 422 -6.29 20.80 6.05
N GLY A 423 -6.74 20.63 4.82
CA GLY A 423 -7.36 21.76 4.10
C GLY A 423 -6.43 22.75 3.45
N ILE A 424 -5.14 22.52 3.52
CA ILE A 424 -4.14 23.43 2.98
C ILE A 424 -3.00 22.61 2.32
N VAL A 425 -2.13 23.27 1.54
CA VAL A 425 -0.92 22.68 0.99
C VAL A 425 0.21 23.08 1.96
N THR A 426 0.92 22.09 2.51
CA THR A 426 2.04 22.34 3.37
C THR A 426 3.35 21.79 2.80
N CYS A 427 4.45 22.41 3.21
CA CYS A 427 5.73 21.91 2.78
C CYS A 427 6.78 22.01 3.90
N ASP A 428 7.87 21.25 3.72
CA ASP A 428 8.91 21.16 4.68
C ASP A 428 9.96 22.26 4.44
N SER A 429 10.98 22.30 5.27
CA SER A 429 12.00 23.37 5.14
CA SER A 429 12.00 23.34 5.14
C SER A 429 12.86 23.25 3.89
N VAL A 430 13.21 22.00 3.49
CA VAL A 430 14.00 21.75 2.26
C VAL A 430 13.32 22.27 1.03
N THR A 431 12.01 22.03 0.96
CA THR A 431 11.21 22.55 -0.12
C THR A 431 11.08 24.06 -0.12
N TYR A 432 10.78 24.61 1.04
CA TYR A 432 10.59 26.04 1.18
C TYR A 432 11.91 26.76 0.78
N ASN A 433 13.00 26.35 1.37
CA ASN A 433 14.28 27.02 1.12
C ASN A 433 14.78 26.83 -0.31
N GLY A 434 14.70 25.61 -0.77
CA GLY A 434 15.14 25.30 -2.10
C GLY A 434 14.39 26.01 -3.18
N SER A 435 13.08 26.25 -3.01
CA SER A 435 12.26 26.70 -4.15
C SER A 435 12.77 28.01 -4.72
N ASN A 436 13.33 28.85 -3.88
CA ASN A 436 13.49 30.23 -4.29
C ASN A 436 12.22 30.61 -5.13
N LEU A 437 11.14 30.63 -4.37
CA LEU A 437 9.98 31.41 -4.67
C LEU A 437 10.12 32.44 -3.60
N PRO A 438 9.55 33.64 -3.79
CA PRO A 438 9.58 34.67 -2.74
C PRO A 438 8.91 34.26 -1.43
N ALA A 439 9.32 34.87 -0.34
CA ALA A 439 8.88 34.43 0.97
C ALA A 439 7.37 34.56 1.19
N TYR A 440 6.76 35.63 0.71
CA TYR A 440 5.30 35.85 0.85
C TYR A 440 4.39 34.88 0.05
N PHE A 441 4.98 34.00 -0.72
CA PHE A 441 4.22 32.85 -1.24
C PHE A 441 3.90 31.81 -0.14
N PHE A 442 4.49 31.97 1.06
CA PHE A 442 4.34 30.99 2.15
C PHE A 442 3.79 31.61 3.42
N LYS A 443 3.28 30.76 4.32
CA LYS A 443 3.01 31.15 5.73
C LYS A 443 3.81 30.14 6.57
N GLU A 444 4.63 30.66 7.47
CA GLU A 444 5.28 29.85 8.49
C GLU A 444 4.25 29.36 9.49
N LEU A 445 4.19 28.03 9.70
CA LEU A 445 3.16 27.39 10.55
C LEU A 445 3.53 27.10 12.01
N PRO A 446 2.55 27.08 12.93
CA PRO A 446 2.88 26.61 14.25
C PRO A 446 3.34 25.16 14.19
N LYS A 447 4.20 24.79 15.11
CA LYS A 447 4.78 23.46 15.13
C LYS A 447 3.78 22.56 15.86
N LYS A 448 3.47 21.41 15.32
CA LYS A 448 2.55 20.49 15.97
C LYS A 448 3.41 19.28 16.31
N VAL A 449 3.17 18.65 17.46
CA VAL A 449 3.78 17.33 17.75
C VAL A 449 3.06 16.26 16.92
N MET A 450 3.77 15.61 16.01
CA MET A 450 3.11 14.71 15.09
C MET A 450 3.48 13.26 15.38
N LYS A 451 2.50 12.49 15.85
CA LYS A 451 2.73 11.11 16.28
C LYS A 451 3.39 10.37 15.12
N GLY A 452 4.64 9.96 15.37
CA GLY A 452 5.45 9.22 14.42
C GLY A 452 6.65 10.00 13.93
N VAL A 453 6.84 11.22 14.44
CA VAL A 453 7.77 12.20 13.85
C VAL A 453 8.53 12.94 14.95
N ALA A 454 9.74 13.39 14.65
CA ALA A 454 10.40 14.42 15.46
C ALA A 454 11.37 15.22 14.59
N ASP A 455 11.84 16.36 15.12
CA ASP A 455 12.85 17.17 14.44
C ASP A 455 12.38 17.56 13.05
N SER A 456 11.07 17.77 12.88
CA SER A 456 10.51 18.01 11.54
C SER A 456 11.18 19.17 10.80
N GLY A 457 11.76 20.11 11.54
CA GLY A 457 12.18 21.44 11.03
C GLY A 457 10.93 22.33 10.92
N PRO A 458 11.11 23.63 10.63
CA PRO A 458 9.91 24.48 10.40
C PRO A 458 9.08 23.94 9.21
N LEU A 459 7.79 24.07 9.34
CA LEU A 459 6.83 23.74 8.30
C LEU A 459 6.11 25.02 7.85
N TYR A 460 5.73 25.01 6.59
CA TYR A 460 5.11 26.13 5.91
C TYR A 460 3.86 25.73 5.17
N GLN A 461 2.94 26.66 5.07
CA GLN A 461 1.88 26.55 4.13
C GLN A 461 2.32 27.20 2.85
N TYR A 462 1.99 26.57 1.72
CA TYR A 462 2.10 27.23 0.41
C TYR A 462 0.83 28.01 0.16
N TRP A 463 0.90 29.33 0.32
CA TRP A 463 -0.20 30.19 0.26
C TRP A 463 -0.54 30.43 -1.20
N GLY A 464 0.47 30.47 -2.05
CA GLY A 464 0.27 30.80 -3.45
C GLY A 464 0.73 32.21 -3.82
N ARG A 465 0.51 32.52 -5.10
CA ARG A 465 1.01 33.77 -5.74
C ARG A 465 0.29 35.01 -5.30
N THR A 466 -0.91 34.89 -4.79
CA THR A 466 -1.65 36.09 -4.50
C THR A 466 -2.20 36.01 -3.08
N GLU A 467 -2.59 37.16 -2.50
CA GLU A 467 -3.14 37.20 -1.12
C GLU A 467 -4.44 36.48 -1.07
N LYS A 468 -5.32 36.85 -2.03
CA LYS A 468 -6.54 36.12 -2.56
C LYS A 468 -7.82 36.97 -2.60
#